data_9DA1
#
_entry.id   9DA1
#
_cell.length_a   60.761
_cell.length_b   64.833
_cell.length_c   128.480
_cell.angle_alpha   90.00
_cell.angle_beta   90.00
_cell.angle_gamma   90.00
#
_symmetry.space_group_name_H-M   'C 2 2 21'
#
loop_
_entity.id
_entity.type
_entity.pdbx_description
1 polymer '5-hydroxymethyl-dUMP N-hydrolase'
2 non-polymer "5-(hydroxymethyl)uridine 5'-(dihydrogen phosphate)"
3 water water
#
_entity_poly.entity_id   1
_entity_poly.type   'polypeptide(L)'
_entity_poly.pdbx_seq_one_letter_code
;SMRPALYFCGSIRGGREDRTLYERIVSRLRRFGTVLTEHVAAAELGARGEEAAGGDRLIHEQDLEWLQQADVVVAEVTQP
SLGVGYELGRAVAFNKRILCLFRPQSGRVLSAMIRGAADGSRFQVWDYEEGEVEALLDRYFEADP
;
_entity_poly.pdbx_strand_id   A,B
#
# COMPACT_ATOMS: atom_id res chain seq x y z
N MET A 2 -1.98 29.77 -0.82
CA MET A 2 -1.66 29.65 -2.24
C MET A 2 -0.49 28.69 -2.48
N ARG A 3 0.53 28.71 -1.63
CA ARG A 3 1.57 27.67 -1.70
C ARG A 3 1.01 26.38 -1.13
N PRO A 4 1.10 25.27 -1.86
CA PRO A 4 0.44 24.04 -1.40
C PRO A 4 1.14 23.39 -0.22
N ALA A 5 0.36 22.64 0.56
CA ALA A 5 0.90 21.68 1.52
C ALA A 5 1.12 20.36 0.80
N LEU A 6 2.28 19.77 1.00
CA LEU A 6 2.71 18.62 0.23
C LEU A 6 3.07 17.46 1.15
N TYR A 7 2.75 16.25 0.70
CA TYR A 7 2.99 15.02 1.46
C TYR A 7 3.83 14.13 0.57
N PHE A 8 4.99 13.70 1.04
CA PHE A 8 5.84 12.82 0.27
C PHE A 8 5.84 11.41 0.83
N CYS A 9 5.77 10.43 -0.08
CA CYS A 9 5.77 9.00 0.22
C CYS A 9 6.92 8.30 -0.47
N GLY A 10 7.67 7.51 0.31
CA GLY A 10 8.71 6.65 -0.24
C GLY A 10 9.03 5.55 0.73
N SER A 11 9.49 4.41 0.22
CA SER A 11 9.81 3.25 1.03
C SER A 11 10.78 3.54 2.16
N ILE A 12 10.47 2.96 3.32
CA ILE A 12 11.38 2.96 4.46
C ILE A 12 11.62 1.51 4.87
N ARG A 13 10.65 0.87 5.53
CA ARG A 13 10.81 -0.54 5.87
C ARG A 13 10.72 -1.45 4.65
N GLY A 14 10.17 -0.98 3.54
CA GLY A 14 10.34 -1.74 2.30
C GLY A 14 11.76 -1.80 1.80
N GLY A 15 12.62 -0.94 2.32
CA GLY A 15 13.99 -0.82 1.89
C GLY A 15 14.30 0.63 1.57
N ARG A 16 15.53 1.07 1.87
CA ARG A 16 15.95 2.45 1.74
C ARG A 16 16.87 2.66 0.53
N GLU A 17 16.74 1.80 -0.48
CA GLU A 17 17.61 1.87 -1.65
C GLU A 17 17.59 3.24 -2.29
N ASP A 18 16.42 3.88 -2.31
CA ASP A 18 16.23 5.14 -3.03
C ASP A 18 16.26 6.36 -2.11
N ARG A 19 16.81 6.22 -0.91
CA ARG A 19 16.81 7.29 0.06
C ARG A 19 17.39 8.61 -0.45
N THR A 20 18.51 8.57 -1.20
CA THR A 20 19.12 9.79 -1.73
C THR A 20 18.20 10.49 -2.72
N LEU A 21 17.56 9.71 -3.59
CA LEU A 21 16.56 10.26 -4.50
C LEU A 21 15.40 10.88 -3.75
N TYR A 22 14.93 10.22 -2.68
CA TYR A 22 13.84 10.84 -1.92
C TYR A 22 14.25 12.19 -1.36
N GLU A 23 15.51 12.31 -0.91
CA GLU A 23 16.01 13.58 -0.42
C GLU A 23 16.01 14.65 -1.52
N ARG A 24 16.34 14.26 -2.74
CA ARG A 24 16.29 15.18 -3.86
C ARG A 24 14.86 15.61 -4.14
N ILE A 25 13.91 14.66 -4.07
CA ILE A 25 12.52 15.00 -4.35
C ILE A 25 12.00 15.98 -3.30
N VAL A 26 12.28 15.70 -2.04
CA VAL A 26 11.82 16.59 -0.97
C VAL A 26 12.48 17.95 -1.07
N SER A 27 13.78 18.00 -1.38
CA SER A 27 14.42 19.31 -1.56
C SER A 27 13.69 20.13 -2.62
N ARG A 28 13.32 19.51 -3.75
CA ARG A 28 12.64 20.25 -4.80
C ARG A 28 11.22 20.61 -4.37
N LEU A 29 10.52 19.70 -3.71
CA LEU A 29 9.17 20.02 -3.26
C LEU A 29 9.17 21.20 -2.30
N ARG A 30 10.20 21.33 -1.46
CA ARG A 30 10.28 22.47 -0.54
C ARG A 30 10.37 23.80 -1.29
N ARG A 31 10.80 23.80 -2.56
CA ARG A 31 10.80 25.03 -3.32
C ARG A 31 9.38 25.50 -3.61
N PHE A 32 8.40 24.59 -3.60
CA PHE A 32 7.05 24.90 -4.03
C PHE A 32 6.05 25.02 -2.89
N GLY A 33 6.30 24.38 -1.77
CA GLY A 33 5.32 24.39 -0.70
C GLY A 33 5.91 23.83 0.57
N THR A 34 5.05 23.70 1.58
CA THR A 34 5.43 23.14 2.86
C THR A 34 5.34 21.62 2.77
N VAL A 35 6.43 20.93 3.04
CA VAL A 35 6.40 19.47 3.05
C VAL A 35 6.02 19.01 4.45
N LEU A 36 4.80 18.49 4.59
CA LEU A 36 4.27 18.17 5.91
C LEU A 36 4.99 16.99 6.52
N THR A 37 5.48 16.07 5.70
CA THR A 37 6.14 14.85 6.15
C THR A 37 7.61 15.07 6.50
N GLU A 38 8.11 16.28 6.38
CA GLU A 38 9.52 16.58 6.63
C GLU A 38 10.42 15.71 5.77
N GLY A 54 1.16 3.05 20.89
CA GLY A 54 2.32 2.41 20.29
C GLY A 54 3.21 3.32 19.47
N GLY A 55 4.44 2.85 19.21
CA GLY A 55 5.33 3.61 18.36
C GLY A 55 4.81 3.70 16.93
N ASP A 56 4.49 2.56 16.35
CA ASP A 56 3.94 2.58 15.00
C ASP A 56 2.56 3.22 14.95
N ARG A 57 1.74 3.08 15.99
CA ARG A 57 0.45 3.75 16.01
C ARG A 57 0.61 5.27 15.88
N LEU A 58 1.57 5.87 16.58
CA LEU A 58 1.77 7.31 16.45
C LEU A 58 2.18 7.68 15.03
N ILE A 59 3.05 6.88 14.41
CA ILE A 59 3.44 7.15 13.03
C ILE A 59 2.22 7.14 12.11
N HIS A 60 1.39 6.09 12.23
CA HIS A 60 0.19 6.00 11.40
C HIS A 60 -0.73 7.18 11.61
N GLU A 61 -1.01 7.53 12.87
CA GLU A 61 -1.96 8.58 13.17
C GLU A 61 -1.46 9.94 12.71
N GLN A 62 -0.19 10.25 12.96
CA GLN A 62 0.32 11.54 12.52
CA GLN A 62 0.38 11.52 12.52
C GLN A 62 0.40 11.62 11.00
N ASP A 63 0.80 10.54 10.33
CA ASP A 63 0.82 10.56 8.87
C ASP A 63 -0.57 10.75 8.31
N LEU A 64 -1.58 10.08 8.89
CA LEU A 64 -2.93 10.22 8.37
C LEU A 64 -3.47 11.64 8.57
N GLU A 65 -3.08 12.32 9.65
CA GLU A 65 -3.45 13.72 9.80
C GLU A 65 -2.86 14.57 8.67
N TRP A 66 -1.56 14.40 8.40
CA TRP A 66 -0.90 15.17 7.36
C TRP A 66 -1.46 14.83 5.98
N LEU A 67 -1.79 13.56 5.77
CA LEU A 67 -2.31 13.14 4.46
C LEU A 67 -3.60 13.88 4.15
N GLN A 68 -4.48 14.01 5.15
CA GLN A 68 -5.74 14.73 4.93
C GLN A 68 -5.52 16.23 4.71
N GLN A 69 -4.44 16.79 5.24
CA GLN A 69 -4.14 18.20 5.07
C GLN A 69 -3.48 18.51 3.73
N ALA A 70 -2.93 17.51 3.05
CA ALA A 70 -2.10 17.77 1.88
C ALA A 70 -2.94 18.23 0.71
N ASP A 71 -2.39 19.17 -0.05
CA ASP A 71 -2.97 19.57 -1.32
C ASP A 71 -2.51 18.66 -2.45
N VAL A 72 -1.29 18.16 -2.39
CA VAL A 72 -0.79 17.18 -3.35
C VAL A 72 0.00 16.12 -2.59
N VAL A 73 -0.22 14.86 -2.94
CA VAL A 73 0.52 13.71 -2.42
C VAL A 73 1.46 13.26 -3.53
N VAL A 74 2.77 13.21 -3.25
CA VAL A 74 3.77 12.82 -4.22
C VAL A 74 4.42 11.54 -3.70
N ALA A 75 4.48 10.50 -4.51
CA ALA A 75 5.01 9.22 -4.08
C ALA A 75 6.02 8.72 -5.09
N GLU A 76 7.18 8.27 -4.62
CA GLU A 76 8.15 7.58 -5.47
C GLU A 76 7.88 6.10 -5.27
N VAL A 77 7.39 5.45 -6.32
CA VAL A 77 6.80 4.13 -6.23
C VAL A 77 7.68 3.03 -6.85
N THR A 78 8.97 3.29 -7.01
CA THR A 78 9.84 2.30 -7.64
C THR A 78 10.17 1.15 -6.70
N GLN A 79 10.46 1.44 -5.43
CA GLN A 79 10.76 0.39 -4.45
C GLN A 79 9.45 -0.11 -3.84
N PRO A 80 9.12 -1.38 -3.96
CA PRO A 80 7.85 -1.85 -3.40
C PRO A 80 7.78 -1.64 -1.90
N SER A 81 6.62 -1.21 -1.42
CA SER A 81 6.44 -0.85 -0.02
C SER A 81 4.98 -0.92 0.37
N LEU A 82 4.69 -1.61 1.48
CA LEU A 82 3.32 -1.65 1.98
C LEU A 82 2.86 -0.28 2.39
N GLY A 83 3.72 0.48 3.06
CA GLY A 83 3.31 1.75 3.62
C GLY A 83 3.01 2.78 2.54
N VAL A 84 3.82 2.79 1.49
CA VAL A 84 3.55 3.69 0.38
C VAL A 84 2.24 3.32 -0.29
N GLY A 85 2.01 2.03 -0.51
CA GLY A 85 0.76 1.63 -1.12
C GLY A 85 -0.43 1.99 -0.25
N TYR A 86 -0.29 1.80 1.07
CA TYR A 86 -1.38 2.12 2.00
C TYR A 86 -1.68 3.61 1.99
N GLU A 87 -0.63 4.43 2.03
CA GLU A 87 -0.81 5.88 1.93
C GLU A 87 -1.55 6.25 0.66
N LEU A 88 -1.19 5.64 -0.46
CA LEU A 88 -1.88 5.95 -1.73
C LEU A 88 -3.33 5.53 -1.71
N GLY A 89 -3.63 4.36 -1.13
CA GLY A 89 -5.02 3.93 -1.03
C GLY A 89 -5.86 4.83 -0.15
N ARG A 90 -5.30 5.22 1.00
CA ARG A 90 -6.03 6.19 1.82
C ARG A 90 -6.18 7.53 1.09
N ALA A 91 -5.13 7.96 0.38
CA ALA A 91 -5.18 9.25 -0.31
C ALA A 91 -6.24 9.27 -1.40
N VAL A 92 -6.34 8.19 -2.18
CA VAL A 92 -7.38 8.07 -3.19
C VAL A 92 -8.74 8.25 -2.54
N ALA A 93 -8.94 7.55 -1.43
CA ALA A 93 -10.26 7.58 -0.79
C ALA A 93 -10.56 8.96 -0.22
N PHE A 94 -9.52 9.72 0.12
CA PHE A 94 -9.67 11.13 0.51
C PHE A 94 -9.78 12.06 -0.71
N ASN A 95 -9.80 11.53 -1.93
CA ASN A 95 -9.87 12.33 -3.16
C ASN A 95 -8.74 13.34 -3.27
N LYS A 96 -7.54 12.92 -2.90
CA LYS A 96 -6.38 13.78 -3.03
C LYS A 96 -5.84 13.77 -4.44
N ARG A 97 -5.27 14.90 -4.85
CA ARG A 97 -4.42 14.95 -6.03
C ARG A 97 -3.12 14.21 -5.74
N ILE A 98 -2.76 13.28 -6.62
CA ILE A 98 -1.69 12.32 -6.41
C ILE A 98 -0.79 12.28 -7.63
N LEU A 99 0.52 12.38 -7.40
CA LEU A 99 1.55 12.19 -8.42
C LEU A 99 2.45 11.05 -7.98
N CYS A 100 2.51 9.99 -8.76
CA CYS A 100 3.41 8.87 -8.55
C CYS A 100 4.51 8.90 -9.60
N LEU A 101 5.72 8.61 -9.14
CA LEU A 101 6.92 8.65 -9.98
C LEU A 101 7.54 7.26 -9.96
N PHE A 102 7.77 6.68 -11.14
CA PHE A 102 8.27 5.32 -11.28
C PHE A 102 9.44 5.31 -12.26
N ARG A 103 10.48 4.53 -11.95
CA ARG A 103 11.65 4.40 -12.80
C ARG A 103 11.70 3.04 -13.46
N PRO A 104 11.33 2.91 -14.75
CA PRO A 104 11.41 1.60 -15.41
C PRO A 104 12.81 1.04 -15.52
N GLN A 105 13.84 1.89 -15.53
CA GLN A 105 15.20 1.41 -15.61
C GLN A 105 15.61 0.63 -14.37
N SER A 106 14.78 0.65 -13.33
CA SER A 106 14.98 -0.23 -12.18
C SER A 106 14.86 -1.71 -12.54
N GLY A 107 14.21 -2.02 -13.65
CA GLY A 107 13.96 -3.39 -14.04
C GLY A 107 12.72 -4.00 -13.43
N ARG A 108 12.00 -3.26 -12.61
CA ARG A 108 10.76 -3.71 -12.04
C ARG A 108 9.60 -3.40 -12.96
N VAL A 109 8.51 -4.15 -12.77
CA VAL A 109 7.20 -3.85 -13.33
C VAL A 109 6.35 -3.24 -12.20
N LEU A 110 5.92 -2.00 -12.38
CA LEU A 110 5.10 -1.35 -11.37
C LEU A 110 3.80 -2.09 -11.16
N SER A 111 3.45 -2.29 -9.89
CA SER A 111 2.17 -2.80 -9.46
C SER A 111 1.01 -2.37 -10.34
N ALA A 112 0.17 -3.33 -10.72
CA ALA A 112 -1.03 -3.00 -11.49
C ALA A 112 -2.00 -2.14 -10.66
N MET A 113 -1.97 -2.27 -9.34
CA MET A 113 -2.88 -1.49 -8.51
C MET A 113 -2.53 -0.02 -8.55
N ILE A 114 -1.27 0.33 -8.75
CA ILE A 114 -0.87 1.73 -8.85
C ILE A 114 -0.99 2.23 -10.28
N ARG A 115 -0.42 1.48 -11.22
CA ARG A 115 -0.54 1.81 -12.64
C ARG A 115 -2.01 1.91 -13.04
N GLY A 116 -2.85 0.98 -12.57
CA GLY A 116 -4.26 0.97 -12.91
C GLY A 116 -5.14 1.95 -12.15
N ALA A 117 -4.61 2.52 -11.06
CA ALA A 117 -5.36 3.56 -10.37
C ALA A 117 -5.30 4.91 -11.08
N ALA A 118 -4.37 5.08 -12.01
CA ALA A 118 -4.19 6.39 -12.63
C ALA A 118 -5.41 6.70 -13.49
N ASP A 119 -5.90 7.92 -13.37
CA ASP A 119 -6.92 8.46 -14.24
C ASP A 119 -6.41 9.63 -15.08
N GLY A 120 -5.10 9.89 -15.03
CA GLY A 120 -4.49 10.90 -15.87
C GLY A 120 -4.71 12.33 -15.43
N SER A 121 -5.48 12.57 -14.37
CA SER A 121 -5.73 13.92 -13.89
C SER A 121 -5.48 14.02 -12.37
N ARG A 122 -6.44 13.54 -11.58
CA ARG A 122 -6.28 13.56 -10.14
C ARG A 122 -5.24 12.56 -9.64
N PHE A 123 -5.01 11.47 -10.36
CA PHE A 123 -4.05 10.43 -9.98
C PHE A 123 -3.22 10.20 -11.23
N GLN A 124 -1.98 10.69 -11.22
CA GLN A 124 -1.09 10.56 -12.36
C GLN A 124 0.08 9.68 -11.97
N VAL A 125 0.52 8.84 -12.89
CA VAL A 125 1.71 8.01 -12.75
C VAL A 125 2.64 8.37 -13.91
N TRP A 126 3.82 8.89 -13.58
CA TRP A 126 4.81 9.26 -14.59
CA TRP A 126 4.82 9.28 -14.57
C TRP A 126 6.02 8.34 -14.51
N ASP A 127 6.37 7.72 -15.62
CA ASP A 127 7.61 6.99 -15.74
C ASP A 127 8.71 8.01 -16.05
N TYR A 128 9.90 7.83 -15.47
CA TYR A 128 10.97 8.82 -15.67
C TYR A 128 12.34 8.19 -15.44
N GLU A 129 13.39 8.92 -15.89
CA GLU A 129 14.79 8.58 -15.62
C GLU A 129 15.30 9.40 -14.44
N GLU A 130 16.11 8.76 -13.58
CA GLU A 130 16.41 9.33 -12.27
C GLU A 130 16.95 10.75 -12.34
N GLY A 131 17.81 11.03 -13.32
CA GLY A 131 18.46 12.33 -13.39
C GLY A 131 17.51 13.48 -13.61
N GLU A 132 16.31 13.22 -14.10
CA GLU A 132 15.37 14.23 -14.53
C GLU A 132 14.31 14.57 -13.48
N VAL A 133 14.44 14.07 -12.26
CA VAL A 133 13.31 14.19 -11.34
C VAL A 133 12.99 15.66 -11.01
N GLU A 134 14.00 16.49 -10.84
CA GLU A 134 13.73 17.89 -10.50
C GLU A 134 12.99 18.59 -11.63
N ALA A 135 13.40 18.34 -12.86
CA ALA A 135 12.74 18.97 -14.01
C ALA A 135 11.32 18.46 -14.14
N LEU A 136 11.09 17.17 -13.92
CA LEU A 136 9.73 16.68 -13.95
C LEU A 136 8.87 17.38 -12.92
N LEU A 137 9.38 17.49 -11.68
CA LEU A 137 8.61 18.17 -10.65
C LEU A 137 8.34 19.60 -11.05
N ASP A 138 9.32 20.27 -11.66
CA ASP A 138 9.09 21.63 -12.10
C ASP A 138 7.91 21.69 -13.08
N ARG A 139 7.85 20.75 -14.03
CA ARG A 139 6.74 20.74 -15.00
C ARG A 139 5.40 20.50 -14.32
N TYR A 140 5.35 19.62 -13.32
CA TYR A 140 4.08 19.34 -12.66
C TYR A 140 3.61 20.51 -11.82
N PHE A 141 4.53 21.19 -11.12
CA PHE A 141 4.16 22.20 -10.14
C PHE A 141 4.18 23.63 -10.67
N GLU A 142 4.39 23.81 -11.96
CA GLU A 142 4.36 25.17 -12.50
C GLU A 142 3.61 25.16 -13.81
N ARG B 3 -23.30 -16.68 2.14
CA ARG B 3 -21.97 -16.96 2.69
C ARG B 3 -21.09 -15.70 2.72
N PRO B 4 -20.20 -15.63 3.71
CA PRO B 4 -19.27 -14.49 3.80
C PRO B 4 -18.27 -14.41 2.66
N ALA B 5 -18.05 -13.19 2.17
CA ALA B 5 -17.24 -12.94 0.99
C ALA B 5 -15.86 -12.49 1.44
N LEU B 6 -14.82 -13.21 0.97
CA LEU B 6 -13.45 -13.02 1.43
C LEU B 6 -12.57 -12.55 0.27
N TYR B 7 -11.76 -11.52 0.53
CA TYR B 7 -10.81 -10.98 -0.44
C TYR B 7 -9.41 -11.24 0.08
N PHE B 8 -8.61 -11.97 -0.69
CA PHE B 8 -7.24 -12.27 -0.28
C PHE B 8 -6.25 -11.38 -1.00
N CYS B 9 -5.23 -10.91 -0.27
CA CYS B 9 -4.24 -9.99 -0.82
C CYS B 9 -2.85 -10.62 -0.55
N GLY B 10 -1.97 -10.62 -1.54
CA GLY B 10 -0.57 -11.00 -1.34
C GLY B 10 0.24 -10.51 -2.52
N SER B 11 1.54 -10.32 -2.29
CA SER B 11 2.41 -9.75 -3.30
C SER B 11 2.44 -10.55 -4.59
N ILE B 12 2.48 -9.82 -5.73
CA ILE B 12 2.68 -10.40 -7.06
C ILE B 12 3.89 -9.67 -7.66
N ARG B 13 3.71 -8.43 -8.10
CA ARG B 13 4.84 -7.71 -8.68
C ARG B 13 5.82 -7.24 -7.62
N GLY B 14 5.42 -7.23 -6.36
CA GLY B 14 6.38 -7.07 -5.28
C GLY B 14 7.34 -8.23 -5.14
N GLY B 15 7.02 -9.37 -5.76
CA GLY B 15 7.79 -10.60 -5.68
C GLY B 15 6.85 -11.74 -5.33
N ARG B 16 7.07 -12.91 -5.91
CA ARG B 16 6.23 -14.08 -5.69
C ARG B 16 6.87 -15.11 -4.79
N GLU B 17 7.74 -14.66 -3.89
CA GLU B 17 8.45 -15.58 -3.02
C GLU B 17 7.52 -16.46 -2.20
N ASP B 18 6.39 -15.91 -1.75
CA ASP B 18 5.48 -16.60 -0.83
C ASP B 18 4.28 -17.21 -1.54
N ARG B 19 4.36 -17.41 -2.85
CA ARG B 19 3.25 -17.94 -3.62
C ARG B 19 2.70 -19.25 -3.05
N THR B 20 3.56 -20.17 -2.65
CA THR B 20 3.06 -21.45 -2.12
C THR B 20 2.23 -21.24 -0.85
N LEU B 21 2.69 -20.35 0.03
CA LEU B 21 1.96 -20.07 1.25
C LEU B 21 0.63 -19.41 0.96
N TYR B 22 0.58 -18.52 -0.04
CA TYR B 22 -0.68 -17.90 -0.39
C TYR B 22 -1.71 -18.95 -0.80
N GLU B 23 -1.26 -19.96 -1.56
CA GLU B 23 -2.17 -21.01 -1.96
C GLU B 23 -2.75 -21.73 -0.74
N ARG B 24 -1.92 -21.95 0.26
CA ARG B 24 -2.40 -22.62 1.47
C ARG B 24 -3.44 -21.79 2.18
N ILE B 25 -3.20 -20.48 2.27
CA ILE B 25 -4.15 -19.60 2.93
C ILE B 25 -5.48 -19.60 2.18
N VAL B 26 -5.42 -19.43 0.86
CA VAL B 26 -6.64 -19.36 0.07
C VAL B 26 -7.42 -20.67 0.18
N SER B 27 -6.73 -21.80 0.15
CA SER B 27 -7.39 -23.10 0.29
C SER B 27 -8.18 -23.17 1.59
N ARG B 28 -7.58 -22.68 2.68
CA ARG B 28 -8.27 -22.68 3.96
C ARG B 28 -9.43 -21.69 3.96
N LEU B 29 -9.23 -20.50 3.36
CA LEU B 29 -10.30 -19.51 3.36
C LEU B 29 -11.54 -20.05 2.67
N ARG B 30 -11.38 -20.86 1.62
CA ARG B 30 -12.54 -21.39 0.91
C ARG B 30 -13.47 -22.16 1.82
N ARG B 31 -12.97 -22.67 2.94
CA ARG B 31 -13.85 -23.37 3.86
C ARG B 31 -14.81 -22.43 4.59
N PHE B 32 -14.48 -21.14 4.67
CA PHE B 32 -15.26 -20.22 5.48
C PHE B 32 -16.15 -19.31 4.67
N GLY B 33 -15.85 -19.12 3.38
CA GLY B 33 -16.62 -18.17 2.62
C GLY B 33 -16.28 -18.23 1.15
N THR B 34 -16.97 -17.39 0.39
CA THR B 34 -16.64 -17.16 -1.01
C THR B 34 -15.33 -16.39 -1.09
N VAL B 35 -14.33 -16.94 -1.76
CA VAL B 35 -13.10 -16.22 -2.07
C VAL B 35 -13.29 -15.50 -3.39
N LEU B 36 -13.39 -14.16 -3.32
CA LEU B 36 -13.63 -13.35 -4.51
C LEU B 36 -12.42 -13.28 -5.43
N THR B 37 -11.23 -13.50 -4.89
CA THR B 37 -9.96 -13.26 -5.56
C THR B 37 -9.23 -14.56 -5.92
N GLU B 38 -9.97 -15.63 -6.15
CA GLU B 38 -9.38 -16.95 -6.38
C GLU B 38 -8.16 -16.90 -7.30
N GLY B 55 -5.81 -4.27 -19.55
CA GLY B 55 -4.51 -4.26 -18.89
C GLY B 55 -4.61 -3.96 -17.41
N ASP B 56 -3.69 -3.14 -16.90
CA ASP B 56 -3.69 -2.85 -15.47
C ASP B 56 -4.93 -2.08 -15.00
N ARG B 57 -5.50 -1.22 -15.83
CA ARG B 57 -6.72 -0.55 -15.41
C ARG B 57 -7.83 -1.56 -15.12
N LEU B 58 -7.93 -2.60 -15.95
CA LEU B 58 -8.98 -3.59 -15.71
C LEU B 58 -8.74 -4.34 -14.42
N ILE B 59 -7.48 -4.68 -14.14
CA ILE B 59 -7.13 -5.33 -12.87
C ILE B 59 -7.57 -4.48 -11.70
N HIS B 60 -7.20 -3.19 -11.74
CA HIS B 60 -7.57 -2.31 -10.65
C HIS B 60 -9.08 -2.23 -10.49
N GLU B 61 -9.79 -2.03 -11.60
CA GLU B 61 -11.22 -1.81 -11.51
C GLU B 61 -11.95 -3.06 -11.03
N GLN B 62 -11.57 -4.23 -11.53
CA GLN B 62 -12.20 -5.46 -11.09
C GLN B 62 -11.89 -5.74 -9.62
N ASP B 63 -10.65 -5.54 -9.21
CA ASP B 63 -10.28 -5.80 -7.83
C ASP B 63 -11.01 -4.85 -6.89
N LEU B 64 -11.18 -3.59 -7.30
CA LEU B 64 -11.88 -2.63 -6.45
C LEU B 64 -13.35 -2.97 -6.33
N GLU B 65 -13.96 -3.48 -7.39
CA GLU B 65 -15.33 -3.96 -7.32
C GLU B 65 -15.45 -5.09 -6.30
N TRP B 66 -14.54 -6.08 -6.38
CA TRP B 66 -14.61 -7.19 -5.43
C TRP B 66 -14.32 -6.72 -4.01
N LEU B 67 -13.35 -5.84 -3.84
CA LEU B 67 -13.03 -5.36 -2.50
C LEU B 67 -14.26 -4.71 -1.86
N GLN B 68 -15.02 -3.97 -2.66
CA GLN B 68 -16.22 -3.29 -2.16
C GLN B 68 -17.27 -4.30 -1.73
N GLN B 69 -17.28 -5.48 -2.34
CA GLN B 69 -18.25 -6.52 -2.06
C GLN B 69 -17.78 -7.48 -0.98
N ALA B 70 -16.59 -7.26 -0.41
CA ALA B 70 -16.06 -8.18 0.56
C ALA B 70 -16.65 -7.95 1.94
N ASP B 71 -16.68 -9.02 2.71
CA ASP B 71 -17.00 -8.96 4.14
C ASP B 71 -15.74 -8.96 4.99
N VAL B 72 -14.69 -9.66 4.56
CA VAL B 72 -13.42 -9.69 5.27
C VAL B 72 -12.31 -9.64 4.24
N VAL B 73 -11.28 -8.83 4.51
CA VAL B 73 -10.09 -8.73 3.68
C VAL B 73 -8.97 -9.41 4.45
N VAL B 74 -8.34 -10.41 3.86
CA VAL B 74 -7.21 -11.13 4.48
C VAL B 74 -5.97 -10.86 3.66
N ALA B 75 -4.91 -10.36 4.30
CA ALA B 75 -3.69 -10.01 3.58
C ALA B 75 -2.48 -10.67 4.21
N GLU B 76 -1.64 -11.29 3.39
CA GLU B 76 -0.36 -11.81 3.85
C GLU B 76 0.64 -10.70 3.53
N VAL B 77 1.17 -10.05 4.57
CA VAL B 77 1.90 -8.80 4.48
C VAL B 77 3.41 -8.97 4.70
N THR B 78 3.92 -10.18 4.56
CA THR B 78 5.35 -10.40 4.81
C THR B 78 6.22 -9.84 3.69
N GLN B 79 5.83 -10.05 2.44
CA GLN B 79 6.59 -9.54 1.30
C GLN B 79 6.13 -8.12 1.00
N PRO B 80 7.01 -7.12 1.04
CA PRO B 80 6.55 -5.74 0.79
C PRO B 80 5.97 -5.61 -0.62
N SER B 81 4.87 -4.88 -0.73
CA SER B 81 4.13 -4.81 -1.98
C SER B 81 3.27 -3.55 -1.99
N LEU B 82 3.40 -2.76 -3.05
CA LEU B 82 2.54 -1.59 -3.19
C LEU B 82 1.08 -1.98 -3.31
N GLY B 83 0.80 -3.02 -4.11
CA GLY B 83 -0.58 -3.38 -4.37
C GLY B 83 -1.28 -3.90 -3.12
N VAL B 84 -0.57 -4.68 -2.31
CA VAL B 84 -1.18 -5.13 -1.06
C VAL B 84 -1.45 -3.96 -0.13
N GLY B 85 -0.50 -3.03 -0.04
CA GLY B 85 -0.74 -1.87 0.81
C GLY B 85 -1.91 -1.04 0.32
N TYR B 86 -2.00 -0.85 -1.00
CA TYR B 86 -3.08 -0.07 -1.60
C TYR B 86 -4.43 -0.73 -1.34
N GLU B 87 -4.49 -2.06 -1.49
CA GLU B 87 -5.72 -2.78 -1.19
C GLU B 87 -6.13 -2.56 0.25
N LEU B 88 -5.17 -2.60 1.17
CA LEU B 88 -5.49 -2.41 2.58
C LEU B 88 -5.95 -0.98 2.84
N GLY B 89 -5.33 0.01 2.21
CA GLY B 89 -5.80 1.38 2.38
C GLY B 89 -7.22 1.58 1.86
N ARG B 90 -7.50 1.05 0.66
CA ARG B 90 -8.87 1.14 0.15
C ARG B 90 -9.84 0.38 1.03
N ALA B 91 -9.42 -0.77 1.56
CA ALA B 91 -10.30 -1.57 2.41
C ALA B 91 -10.68 -0.83 3.69
N VAL B 92 -9.72 -0.14 4.29
CA VAL B 92 -10.03 0.65 5.47
C VAL B 92 -11.09 1.69 5.14
N ALA B 93 -10.91 2.39 4.02
CA ALA B 93 -11.84 3.45 3.66
C ALA B 93 -13.20 2.92 3.23
N PHE B 94 -13.25 1.66 2.77
CA PHE B 94 -14.51 0.99 2.46
C PHE B 94 -15.14 0.35 3.68
N ASN B 95 -14.57 0.57 4.86
CA ASN B 95 -15.13 0.12 6.13
C ASN B 95 -15.16 -1.40 6.25
N LYS B 96 -14.13 -2.06 5.78
CA LYS B 96 -14.07 -3.51 5.82
C LYS B 96 -13.31 -4.03 7.03
N ARG B 97 -13.69 -5.23 7.45
CA ARG B 97 -12.95 -5.99 8.44
CA ARG B 97 -12.95 -5.99 8.44
C ARG B 97 -11.69 -6.57 7.79
N ILE B 98 -10.53 -6.43 8.47
CA ILE B 98 -9.23 -6.74 7.90
C ILE B 98 -8.45 -7.64 8.84
N LEU B 99 -7.83 -8.67 8.28
CA LEU B 99 -6.89 -9.55 8.96
C LEU B 99 -5.60 -9.57 8.17
N CYS B 100 -4.53 -9.09 8.79
CA CYS B 100 -3.17 -9.18 8.25
C CYS B 100 -2.32 -10.21 8.96
N LEU B 101 -1.51 -10.92 8.16
CA LEU B 101 -0.69 -12.04 8.61
C LEU B 101 0.76 -11.75 8.24
N PHE B 102 1.65 -11.74 9.24
CA PHE B 102 3.04 -11.39 9.04
C PHE B 102 3.94 -12.46 9.67
N ARG B 103 5.01 -12.84 8.97
CA ARG B 103 5.95 -13.85 9.47
C ARG B 103 7.25 -13.20 9.94
N PRO B 104 7.52 -13.15 11.25
CA PRO B 104 8.83 -12.67 11.71
C PRO B 104 10.01 -13.47 11.22
N GLN B 105 9.82 -14.73 10.82
CA GLN B 105 10.94 -15.51 10.30
C GLN B 105 11.51 -14.90 9.03
N SER B 106 10.76 -14.00 8.37
CA SER B 106 11.32 -13.28 7.23
C SER B 106 12.48 -12.37 7.60
N GLY B 107 12.63 -12.05 8.88
CA GLY B 107 13.63 -11.11 9.32
C GLY B 107 13.29 -9.67 9.12
N ARG B 108 12.14 -9.37 8.52
CA ARG B 108 11.72 -8.01 8.25
C ARG B 108 11.06 -7.39 9.47
N VAL B 109 11.10 -6.06 9.51
CA VAL B 109 10.29 -5.29 10.43
C VAL B 109 9.08 -4.82 9.62
N LEU B 110 7.88 -5.23 10.02
CA LEU B 110 6.68 -4.88 9.26
C LEU B 110 6.47 -3.37 9.27
N SER B 111 6.14 -2.85 8.10
CA SER B 111 5.69 -1.46 7.94
C SER B 111 4.92 -0.90 9.13
N ALA B 112 5.35 0.27 9.58
CA ALA B 112 4.60 0.98 10.62
C ALA B 112 3.19 1.35 10.17
N MET B 113 2.96 1.54 8.86
CA MET B 113 1.63 1.93 8.43
C MET B 113 0.66 0.77 8.58
N ILE B 114 1.14 -0.46 8.50
CA ILE B 114 0.25 -1.60 8.67
C ILE B 114 0.14 -1.97 10.14
N ARG B 115 1.28 -2.10 10.81
CA ARG B 115 1.25 -2.39 12.24
C ARG B 115 0.50 -1.31 13.00
N GLY B 116 0.67 -0.04 12.61
CA GLY B 116 0.03 1.07 13.27
C GLY B 116 -1.41 1.33 12.89
N ALA B 117 -1.88 0.75 11.78
CA ALA B 117 -3.29 0.83 11.43
C ALA B 117 -4.16 -0.10 12.28
N ALA B 118 -3.54 -1.10 12.90
CA ALA B 118 -4.30 -2.10 13.62
C ALA B 118 -4.97 -1.51 14.84
N ASP B 119 -6.19 -1.97 15.11
CA ASP B 119 -6.89 -1.63 16.32
C ASP B 119 -7.25 -2.84 17.15
N GLY B 120 -6.82 -4.04 16.73
CA GLY B 120 -7.03 -5.23 17.53
C GLY B 120 -8.40 -5.88 17.38
N SER B 121 -9.32 -5.29 16.65
CA SER B 121 -10.67 -5.83 16.50
C SER B 121 -11.00 -5.86 15.01
N ARG B 122 -11.39 -4.73 14.43
CA ARG B 122 -11.75 -4.68 13.02
C ARG B 122 -10.54 -4.64 12.08
N PHE B 123 -9.35 -4.26 12.54
CA PHE B 123 -8.12 -4.35 11.76
C PHE B 123 -7.14 -5.07 12.69
N GLN B 124 -6.84 -6.34 12.40
CA GLN B 124 -5.94 -7.12 13.23
C GLN B 124 -4.68 -7.47 12.46
N VAL B 125 -3.53 -7.39 13.12
CA VAL B 125 -2.25 -7.80 12.56
C VAL B 125 -1.68 -8.87 13.46
N TRP B 126 -1.52 -10.07 12.92
CA TRP B 126 -0.98 -11.21 13.67
C TRP B 126 0.36 -11.62 13.12
N ASP B 127 1.34 -11.73 14.01
CA ASP B 127 2.57 -12.44 13.74
C ASP B 127 2.30 -13.94 13.82
N TYR B 128 2.88 -14.69 12.90
CA TYR B 128 2.67 -16.13 12.91
C TYR B 128 3.86 -16.88 12.34
N GLU B 129 3.90 -18.19 12.65
CA GLU B 129 4.87 -19.12 12.11
C GLU B 129 4.19 -19.91 11.00
N GLU B 130 4.90 -20.15 9.90
CA GLU B 130 4.27 -20.68 8.70
C GLU B 130 3.48 -21.97 8.97
N GLY B 131 3.99 -22.85 9.82
CA GLY B 131 3.32 -24.12 10.05
C GLY B 131 1.97 -23.99 10.72
N GLU B 132 1.71 -22.86 11.36
CA GLU B 132 0.52 -22.64 12.17
C GLU B 132 -0.56 -21.84 11.45
N VAL B 133 -0.39 -21.53 10.16
CA VAL B 133 -1.31 -20.58 9.53
C VAL B 133 -2.72 -21.15 9.46
N GLU B 134 -2.86 -22.46 9.20
CA GLU B 134 -4.20 -23.03 9.13
C GLU B 134 -4.92 -22.93 10.46
N ALA B 135 -4.21 -23.19 11.56
CA ALA B 135 -4.83 -23.11 12.88
C ALA B 135 -5.17 -21.66 13.26
N LEU B 136 -4.31 -20.71 12.89
CA LEU B 136 -4.63 -19.31 13.11
C LEU B 136 -5.93 -18.95 12.41
N LEU B 137 -6.07 -19.35 11.15
CA LEU B 137 -7.27 -18.97 10.40
C LEU B 137 -8.50 -19.65 10.98
N ASP B 138 -8.35 -20.89 11.43
CA ASP B 138 -9.48 -21.58 12.05
C ASP B 138 -9.95 -20.81 13.29
N ARG B 139 -9.00 -20.29 14.07
CA ARG B 139 -9.37 -19.54 15.26
CA ARG B 139 -9.38 -19.54 15.26
C ARG B 139 -10.09 -18.24 14.90
N TYR B 140 -9.57 -17.52 13.89
CA TYR B 140 -10.17 -16.25 13.51
C TYR B 140 -11.59 -16.44 12.98
N PHE B 141 -11.79 -17.44 12.15
CA PHE B 141 -13.09 -17.71 11.56
C PHE B 141 -13.90 -18.68 12.39
N GLU B 142 -13.49 -18.91 13.64
CA GLU B 142 -14.20 -19.76 14.60
C GLU B 142 -14.20 -21.20 14.11
#